data_4GXY
#
_entry.id   4GXY
#
_cell.length_a   96.633
_cell.length_b   96.633
_cell.length_c   132.684
_cell.angle_alpha   90.00
_cell.angle_beta   90.00
_cell.angle_gamma   120.00
#
_symmetry.space_group_name_H-M   'P 31 2 1'
#
loop_
_entity.id
_entity.type
_entity.pdbx_description
1 polymer 'Adenosylcobalamin riboswitch'
2 non-polymer Adenosylcobalamin
3 non-polymer 'IRIDIUM HEXAMMINE ION'
4 non-polymer 'MAGNESIUM ION'
5 water water
#
_entity_poly.entity_id   1
_entity_poly.type   'polyribonucleotide'
_entity_poly.pdbx_seq_one_letter_code
;(GTP)GCGGCAGGUGCUCCCGACCCUGCGGUCGGGAGUUAAAAGGGAAGCCGGUGCAAGUCCGGCACGGUCCCGCCACUG
UGACGGGGAGUCGCCCCUCGGGAUGUGCCACUGGCCCGAAGGCCGGGAAGGCGGAGGGGCGGCGAGGAUCCGGAGUCAGG
AAACCUGCCUGCCGU(CCC)
;
_entity_poly.pdbx_strand_id   A
#
loop_
_chem_comp.id
_chem_comp.type
_chem_comp.name
_chem_comp.formula
A RNA linking ADENOSINE-5'-MONOPHOSPHATE 'C10 H14 N5 O7 P'
B1Z non-polymer Adenosylcobalamin 'C72 H101 Co N18 O17 P'
C RNA linking CYTIDINE-5'-MONOPHOSPHATE 'C9 H14 N3 O8 P'
CCC RNA linking 'CYTIDINE-5'-PHOSPHATE-2',3'-CYCLIC PHOSPHATE' 'C9 H13 N3 O10 P2'
G RNA linking GUANOSINE-5'-MONOPHOSPHATE 'C10 H14 N5 O8 P'
GTP non-polymer GUANOSINE-5'-TRIPHOSPHATE 'C10 H16 N5 O14 P3'
IRI non-polymer 'IRIDIUM HEXAMMINE ION' 'H18 Ir N6 3'
MG non-polymer 'MAGNESIUM ION' 'Mg 2'
U RNA linking URIDINE-5'-MONOPHOSPHATE 'C9 H13 N2 O9 P'
#
# COMPACT_ATOMS: atom_id res chain seq x y z
O3B GTP A 1 22.38 17.53 -6.13
PB GTP A 1 22.71 19.11 -5.94
O1B GTP A 1 23.99 19.43 -6.67
O2B GTP A 1 22.85 19.45 -4.47
O3A GTP A 1 21.47 19.88 -6.64
PA GTP A 1 19.96 19.80 -6.05
O1A GTP A 1 20.01 19.73 -4.54
O2A GTP A 1 19.27 18.59 -6.63
O5' GTP A 1 19.20 21.17 -6.46
C5' GTP A 1 17.84 21.15 -6.87
C4' GTP A 1 17.60 22.07 -8.06
O4' GTP A 1 18.76 22.10 -8.85
C3' GTP A 1 16.53 21.56 -9.02
O3' GTP A 1 15.22 21.94 -8.65
C2' GTP A 1 16.91 22.12 -10.39
O2' GTP A 1 16.49 23.46 -10.52
C1' GTP A 1 18.43 22.10 -10.23
N9 GTP A 1 19.00 20.90 -10.86
C8 GTP A 1 19.87 20.02 -10.27
N7 GTP A 1 20.18 19.04 -11.15
C5 GTP A 1 19.52 19.27 -12.30
C6 GTP A 1 19.47 18.57 -13.51
O6 GTP A 1 20.13 17.54 -13.67
N1 GTP A 1 18.68 19.06 -14.54
C2 GTP A 1 17.95 20.21 -14.36
N2 GTP A 1 17.19 20.67 -15.35
N3 GTP A 1 17.99 20.89 -13.16
C4 GTP A 1 18.76 20.44 -12.14
PC CCC A 172 16.24 21.18 -23.02
O1C CCC A 172 16.02 22.62 -23.43
O2C CCC A 172 14.91 20.46 -22.90
P CCC A 172 20.07 14.89 -23.39
OP1 CCC A 172 20.65 14.86 -24.79
OP2 CCC A 172 20.98 15.24 -22.23
O5' CCC A 172 18.81 15.90 -23.35
C5' CCC A 172 19.01 17.29 -23.66
C4' CCC A 172 17.75 18.11 -23.35
O4' CCC A 172 17.24 17.70 -22.08
C3' CCC A 172 18.06 19.61 -23.26
O3' CCC A 172 17.16 20.40 -24.07
C2' CCC A 172 17.93 20.01 -21.79
O2' CCC A 172 17.01 21.08 -21.61
C1' CCC A 172 17.40 18.74 -21.11
N1 CCC A 172 18.30 18.25 -20.06
C2 CCC A 172 18.16 18.73 -18.84
O2 CCC A 172 17.29 19.55 -18.60
N3 CCC A 172 18.95 18.28 -17.89
C4 CCC A 172 19.85 17.38 -18.27
N4 CCC A 172 20.71 16.89 -17.38
C5 CCC A 172 19.91 17.00 -19.47
C6 CCC A 172 19.16 17.42 -20.30
P B1Z B . -6.27 -11.15 -3.40
CO B1Z B . -6.32 -3.12 0.97
C1 B1Z B . -8.88 -3.41 -0.12
C2 B1Z B . -10.17 -2.55 -0.12
C3 B1Z B . -9.60 -1.19 -0.56
C4 B1Z B . -8.18 -1.29 -0.08
C5 B1Z B . -7.29 -0.17 0.15
C6 B1Z B . -5.96 -0.37 0.30
C7 B1Z B . -4.87 0.72 0.32
C8 B1Z B . -3.65 -0.13 0.05
C9 B1Z B . -4.15 -1.45 0.53
N0A B1Z B . -0.79 -3.69 9.06
C0B B1Z B . -5.83 -0.44 -4.46
C10 B1Z B . -3.23 -2.42 1.09
C11 B1Z B . -3.62 -3.55 1.66
C12 B1Z B . -2.59 -4.45 2.28
C13 B1Z B . -3.44 -5.66 2.58
C14 B1Z B . -4.84 -5.16 2.21
C15 B1Z B . -6.01 -5.93 2.56
C16 B1Z B . -7.20 -5.67 1.99
C17 B1Z B . -8.45 -6.54 1.98
C18 B1Z B . -9.24 -5.88 0.87
C19 B1Z B . -8.55 -4.57 0.74
C1A B1Z B . -6.09 -4.10 5.83
N1A B1Z B . -1.29 -5.40 7.54
C1B B1Z B . -4.64 -2.43 -6.25
N1B B1Z B . -4.80 -5.55 -2.33
C1P B1Z B . -8.13 -12.43 -0.30
C1R B1Z B . -4.25 -6.83 -2.77
C20 B1Z B . -8.69 -4.11 -1.47
N21 B1Z B . -7.85 -2.46 0.21
N22 B1Z B . -5.41 -1.59 0.54
N23 B1Z B . -4.87 -4.00 1.68
N24 B1Z B . -7.42 -4.55 1.29
C25 B1Z B . -11.18 -3.11 -1.10
C26 B1Z B . -10.86 -2.37 1.22
C27 B1Z B . -11.57 -1.03 1.28
O28 B1Z B . -11.14 -0.19 2.03
N29 B1Z B . -12.63 -0.81 0.50
C2A B1Z B . -7.40 -3.61 6.41
C2B B1Z B . -5.24 -5.29 -1.10
C2C B1Z B . -2.10 -6.00 6.65
C2P B1Z B . -7.13 -12.72 -1.43
O2P B1Z B . -5.76 -10.09 -2.29
C2R B1Z B . -5.35 -7.82 -3.06
C30 B1Z B . -9.63 -0.99 -2.06
C31 B1Z B . -10.73 -0.07 -2.60
C32 B1Z B . -10.56 0.08 -4.09
O33 B1Z B . -9.76 0.89 -4.52
N34 B1Z B . -11.29 -0.70 -4.89
C35 B1Z B . -8.02 1.14 0.28
C36 B1Z B . -4.93 1.82 -0.72
C37 B1Z B . -4.92 1.24 1.75
C38 B1Z B . -3.98 2.38 2.05
O39 B1Z B . -2.77 2.23 2.03
C3A B1Z B . -7.89 -2.52 5.48
N3A B1Z B . -3.31 -5.54 6.31
N3B B1Z B . -5.70 -4.03 -1.00
C3P B1Z B . -7.20 -14.21 -1.78
O3P B1Z B . -7.42 -11.94 -2.59
C3R B1Z B . -4.75 -9.16 -2.69
N40 B1Z B . -4.61 3.52 2.33
C41 B1Z B . -3.33 -0.17 -1.45
C42 B1Z B . -2.40 -1.34 -1.75
C43 B1Z B . -1.78 -1.38 -3.12
O44 B1Z B . -2.12 -0.62 -4.00
N45 B1Z B . -0.83 -2.28 -3.28
C46 B1Z B . -2.05 -3.86 3.55
C47 B1Z B . -1.50 -4.70 1.25
C48 B1Z B . -2.89 -6.86 1.84
C49 B1Z B . -2.36 -7.88 2.82
C4A B1Z B . -7.22 -2.88 4.16
C4B B1Z B . -5.84 -2.13 -2.62
C4D B1Z B . -3.80 -4.42 6.86
O4P B1Z B . -6.91 -10.31 -4.49
C4R B1Z B . -3.81 -8.82 -1.56
C50 B1Z B . -1.20 -8.65 2.22
O51 B1Z B . -0.41 -8.06 1.51
N52 B1Z B . -1.11 -9.96 2.51
C53 B1Z B . -5.77 -6.97 3.62
C54 B1Z B . -9.18 -6.37 3.29
C55 B1Z B . -8.05 -7.98 1.63
C56 B1Z B . -8.88 -8.81 0.67
C57 B1Z B . -8.08 -10.08 0.43
O58 B1Z B . -6.97 -10.17 0.93
N59 B1Z B . -8.61 -11.05 -0.31
C5A B1Z B . -6.87 -1.66 3.34
C5B B1Z B . -5.54 -1.80 -3.94
C5E B1Z B . -2.98 -3.70 7.85
O5P B1Z B . -5.13 -12.10 -3.75
C5R B1Z B . -2.59 -9.73 -1.65
C60 B1Z B . -10.74 -5.82 1.08
C61 B1Z B . -11.37 -6.73 0.06
O62 B1Z B . -12.12 -7.61 0.45
N63 B1Z B . -11.07 -6.55 -1.22
C6A B1Z B . -1.64 -4.26 8.18
O6A B1Z B . -5.98 -3.51 4.52
C6B B1Z B . -4.94 -2.81 -4.83
O6R B1Z B . -3.48 -7.43 -1.73
N7A B1Z B . -3.71 -2.63 8.23
O7A B1Z B . -8.34 -4.69 6.40
C7B B1Z B . -4.64 -4.09 -4.37
O7R B1Z B . -6.53 -7.57 -2.28
C8A B1Z B . -4.88 -2.66 7.53
O8A B1Z B . -9.31 -2.50 5.44
C8B B1Z B . -4.93 -4.42 -3.06
O8R B1Z B . -2.94 -10.78 -2.57
N9A B1Z B . -4.95 -3.73 6.72
C9B B1Z B . -5.54 -3.41 -2.17
N0A B1Z C . -11.44 -16.99 11.40
C1A B1Z C . -6.85 -20.94 12.57
N1A B1Z C . -11.12 -18.04 13.47
C2A B1Z C . -5.77 -21.40 11.62
C2C B1Z C . -10.44 -18.88 14.28
C3A B1Z C . -4.52 -21.57 12.50
N3A B1Z C . -9.34 -19.56 13.90
C4A B1Z C . -4.92 -21.02 13.87
C4D B1Z C . -8.86 -19.45 12.65
C5A B1Z C . -3.89 -20.07 14.46
C5E B1Z C . -9.55 -18.55 11.69
C6A B1Z C . -10.75 -17.82 12.19
O6A B1Z C . -6.16 -20.34 13.68
N7A B1Z C . -8.86 -18.62 10.53
O7A B1Z C . -6.18 -22.61 10.96
C8A B1Z C . -7.81 -19.48 10.71
O8A B1Z C . -4.08 -22.92 12.60
N9A B1Z C . -7.82 -19.98 11.97
IR IRI D . 7.58 18.95 11.57
N1 IRI D . 6.45 20.22 10.45
N2 IRI D . 9.11 19.16 10.25
N3 IRI D . 8.70 17.70 12.68
N4 IRI D . 6.03 18.77 12.87
N5 IRI D . 8.29 20.52 12.64
N6 IRI D . 6.86 17.38 10.49
IR IRI E . -22.40 1.83 -5.34
N1 IRI E . -21.76 3.76 -5.28
N2 IRI E . -23.19 2.11 -7.19
N3 IRI E . -23.03 -0.10 -5.42
N4 IRI E . -21.62 1.54 -3.50
N5 IRI E . -20.64 1.28 -6.20
N6 IRI E . -24.16 2.42 -4.52
IR IRI F . 13.46 -5.64 32.68
N1 IRI F . 12.75 -5.49 34.59
N2 IRI F . 12.07 -7.04 32.24
N3 IRI F . 14.18 -5.79 30.80
N4 IRI F . 14.86 -4.25 33.12
N5 IRI F . 12.17 -4.20 32.09
N6 IRI F . 14.78 -7.07 33.30
IR IRI G . -21.35 -6.72 -5.43
N1 IRI G . -19.85 -7.31 -6.67
N2 IRI G . -22.68 -7.65 -6.65
N3 IRI G . -22.88 -6.10 -4.24
N4 IRI G . -20.03 -5.78 -4.21
N5 IRI G . -21.18 -8.43 -4.35
N6 IRI G . -21.52 -5.00 -6.51
IR IRI H . -14.27 -18.50 4.83
N1 IRI H . -12.36 -18.14 4.26
N2 IRI H . -13.61 -19.61 6.40
N3 IRI H . -16.19 -18.86 5.40
N4 IRI H . -14.94 -17.38 3.27
N5 IRI H . -14.23 -16.83 5.98
N6 IRI H . -14.30 -20.17 3.66
IR IRI I . 14.45 -9.99 12.94
N1 IRI I . 16.36 -10.31 13.54
N2 IRI I . 15.09 -9.61 11.07
N3 IRI I . 12.53 -9.64 12.38
N4 IRI I . 13.80 -10.41 14.82
N5 IRI I . 14.25 -11.94 12.41
N6 IRI I . 14.67 -8.05 13.48
IR IRI J . -2.31 3.34 11.96
N1 IRI J . -0.45 3.84 11.32
N2 IRI J . -1.48 2.54 13.64
N3 IRI J . -4.16 2.81 12.62
N4 IRI J . -3.14 4.14 10.29
N5 IRI J . -2.46 5.13 12.89
N6 IRI J . -2.14 1.54 11.01
MG MG K . 17.27 -23.41 30.63
MG MG L . -9.26 -4.36 -5.74
#